data_8GFL
#
_entry.id   8GFL
#
_cell.length_a   177.067
_cell.length_b   177.067
_cell.length_c   177.067
_cell.angle_alpha   90.000
_cell.angle_beta   90.000
_cell.angle_gamma   90.000
#
_symmetry.space_group_name_H-M   'I 2 3'
#
loop_
_entity.id
_entity.type
_entity.pdbx_description
1 polymer 'Lytic transglycosylase domain-containing protein'
2 non-polymer '4-nitrophenyl 2-acetamido-4-O-(2-acetamido-2-deoxy-beta-D-glucopyranosyl)-2-deoxy-beta-D-glucopyranoside'
3 non-polymer 'CITRIC ACID'
4 non-polymer 'DIMETHYL SULFOXIDE'
5 water water
#
_entity_poly.entity_id   1
_entity_poly.type   'polypeptide(L)'
_entity_poly.pdbx_seq_one_letter_code
;MGSSHHHHHHSSGLVPRGSHMQYSIEKLKKEENSLAKDYYIYRLLEKNKISKKDAQDLNSHIFRYIGKIKSELEKIIPLK
PYINPKYAKCYTYTANTILDANLTCQSVRLNSLVFIASLNSKDRTTLAQTFKNQRPDLTNLLLAFNTSDPMSYIVQKEDI
NGFFKLYNYSKKYDLDLNTSLVNKLPNHIGFKDFAQNIIIKKENPKFRHSMLEINPENVSEDSAFYLGVNALTYDKTELA
YDFFKKAAQSFKSQSNKDNAIFWMWLIKNNEEDLKTLSQSSSLNIYSLYAKELTNTPFPKIESLNPSKKKNNFNMQDPFA
WQKINKQIRDANASQLDVLAKEFDTQETLPIYAYILERKNNFKKHYFIMPYYDNIKDYNKTRQALILAIARQESRFIPTA
ISVSYALGMMQFMPFLANHIGEKELKIPNFDQDFMFKPEIAYYFGNYHLNYLESRLKSPLFVAYAYNGGIGFTNRMLARN
DMFKTGKFEPFLSMELVPYQESRIYGKKVLANYIVYRHLLNDSIKISDIFENLIQNKANDLNKS
;
_entity_poly.pdbx_strand_id   A
#
loop_
_chem_comp.id
_chem_comp.type
_chem_comp.name
_chem_comp.formula
CIT non-polymer 'CITRIC ACID' 'C6 H8 O7'
DMS non-polymer 'DIMETHYL SULFOXIDE' 'C2 H6 O S'
ZIE non-polymer '4-nitrophenyl 2-acetamido-4-O-(2-acetamido-2-deoxy-beta-D-glucopyranosyl)-2-deoxy-beta-D-glucopyranoside' 'C22 H31 N3 O13'
#
# COMPACT_ATOMS: atom_id res chain seq x y z
N TYR A 23 -14.98 4.22 27.48
CA TYR A 23 -16.10 5.04 26.95
C TYR A 23 -17.26 4.16 26.47
N SER A 24 -18.47 4.46 26.97
CA SER A 24 -19.73 3.86 26.55
C SER A 24 -20.13 4.31 25.15
N ILE A 25 -21.07 3.59 24.53
CA ILE A 25 -21.53 3.91 23.20
C ILE A 25 -22.16 5.31 23.15
N GLU A 26 -22.84 5.72 24.23
CA GLU A 26 -23.56 6.99 24.28
C GLU A 26 -22.58 8.16 24.19
N LYS A 27 -21.43 8.00 24.86
CA LYS A 27 -20.33 8.97 24.87
C LYS A 27 -19.58 9.00 23.53
N LEU A 28 -19.40 7.83 22.88
CA LEU A 28 -18.76 7.76 21.59
C LEU A 28 -19.63 8.47 20.55
N LYS A 29 -20.95 8.25 20.63
CA LYS A 29 -21.87 8.86 19.68
C LYS A 29 -21.71 10.39 19.71
N LYS A 30 -21.23 10.99 20.81
CA LYS A 30 -21.07 12.44 20.93
C LYS A 30 -19.77 12.97 20.31
N GLU A 31 -18.80 12.08 19.98
CA GLU A 31 -17.58 12.49 19.29
C GLU A 31 -17.86 12.49 17.79
N GLU A 32 -17.02 13.22 17.03
CA GLU A 32 -17.06 13.25 15.58
C GLU A 32 -16.66 11.87 15.04
N ASN A 33 -17.12 11.56 13.82
CA ASN A 33 -16.74 10.35 13.13
C ASN A 33 -15.23 10.44 12.83
N SER A 34 -14.51 9.36 13.14
CA SER A 34 -13.07 9.26 12.92
C SER A 34 -12.67 7.82 13.12
N LEU A 35 -11.47 7.48 12.66
CA LEU A 35 -10.89 6.18 12.93
C LEU A 35 -10.80 5.91 14.44
N ALA A 36 -10.61 6.92 15.29
CA ALA A 36 -10.49 6.65 16.72
C ALA A 36 -11.85 6.18 17.28
N LYS A 37 -12.90 6.88 16.83
CA LYS A 37 -14.26 6.54 17.20
C LYS A 37 -14.58 5.15 16.69
N ASP A 38 -14.18 4.83 15.45
CA ASP A 38 -14.41 3.50 14.91
C ASP A 38 -13.72 2.44 15.79
N TYR A 39 -12.45 2.71 16.14
CA TYR A 39 -11.64 1.80 16.93
C TYR A 39 -12.39 1.43 18.21
N TYR A 40 -12.88 2.45 18.94
CA TYR A 40 -13.61 2.28 20.20
C TYR A 40 -14.99 1.64 20.00
N ILE A 41 -15.66 1.89 18.87
CA ILE A 41 -16.89 1.15 18.61
C ILE A 41 -16.53 -0.31 18.38
N TYR A 42 -15.45 -0.53 17.64
CA TYR A 42 -15.01 -1.89 17.37
C TYR A 42 -14.69 -2.61 18.68
N ARG A 43 -14.09 -1.92 19.65
CA ARG A 43 -13.71 -2.57 20.91
C ARG A 43 -14.96 -3.01 21.66
N LEU A 44 -16.01 -2.19 21.63
CA LEU A 44 -17.28 -2.58 22.22
C LEU A 44 -17.84 -3.79 21.49
N LEU A 45 -17.80 -3.80 20.15
CA LEU A 45 -18.42 -4.90 19.43
C LEU A 45 -17.70 -6.20 19.77
N GLU A 46 -16.35 -6.16 19.85
CA GLU A 46 -15.63 -7.41 19.99
C GLU A 46 -15.83 -7.94 21.41
N LYS A 47 -16.20 -7.07 22.37
CA LYS A 47 -16.53 -7.49 23.71
C LYS A 47 -18.04 -7.68 23.92
N ASN A 48 -18.86 -7.66 22.85
CA ASN A 48 -20.27 -8.02 22.89
C ASN A 48 -21.07 -7.05 23.76
N LYS A 49 -20.63 -5.79 23.80
CA LYS A 49 -21.24 -4.75 24.62
C LYS A 49 -22.21 -3.88 23.81
N ILE A 50 -22.35 -4.13 22.50
CA ILE A 50 -23.30 -3.45 21.64
C ILE A 50 -24.54 -4.34 21.45
N SER A 51 -25.66 -3.93 22.07
CA SER A 51 -26.96 -4.54 21.89
C SER A 51 -27.50 -4.34 20.47
N LYS A 52 -28.47 -5.18 20.05
CA LYS A 52 -29.19 -4.95 18.80
C LYS A 52 -29.85 -3.57 18.75
N LYS A 53 -30.25 -3.01 19.89
CA LYS A 53 -30.86 -1.68 19.92
C LYS A 53 -29.83 -0.58 19.73
N ASP A 54 -28.65 -0.71 20.35
CA ASP A 54 -27.57 0.26 20.18
C ASP A 54 -27.17 0.27 18.69
N ALA A 55 -27.18 -0.93 18.08
CA ALA A 55 -26.74 -1.14 16.71
C ALA A 55 -27.67 -0.56 15.64
N GLN A 56 -28.85 0.01 15.97
CA GLN A 56 -29.79 0.47 14.95
C GLN A 56 -29.18 1.68 14.22
N ASP A 57 -28.86 2.78 14.93
CA ASP A 57 -28.52 4.01 14.22
C ASP A 57 -27.02 4.10 13.92
N LEU A 58 -26.35 2.96 13.71
CA LEU A 58 -24.94 2.91 14.06
C LEU A 58 -24.04 3.08 12.83
N ASN A 59 -24.42 2.63 11.62
CA ASN A 59 -23.58 2.84 10.43
C ASN A 59 -23.38 4.35 10.15
N SER A 60 -24.32 5.21 10.58
CA SER A 60 -24.15 6.65 10.50
C SER A 60 -23.13 7.18 11.53
N HIS A 61 -22.64 6.32 12.43
CA HIS A 61 -21.65 6.71 13.44
C HIS A 61 -20.26 6.18 13.09
N ILE A 62 -20.13 5.53 11.93
CA ILE A 62 -18.90 4.85 11.56
C ILE A 62 -18.23 5.58 10.39
N PHE A 63 -17.00 6.07 10.62
CA PHE A 63 -16.22 6.85 9.68
C PHE A 63 -15.85 6.02 8.47
N ARG A 64 -15.42 4.78 8.67
CA ARG A 64 -14.97 3.96 7.56
C ARG A 64 -15.51 2.52 7.73
N TYR A 65 -16.64 2.27 7.06
CA TYR A 65 -17.44 1.07 7.23
C TYR A 65 -16.90 -0.04 6.32
N ILE A 66 -15.72 -0.57 6.68
CA ILE A 66 -15.00 -1.54 5.86
C ILE A 66 -14.30 -2.54 6.81
N GLY A 67 -14.13 -3.79 6.36
CA GLY A 67 -13.38 -4.77 7.14
C GLY A 67 -14.09 -5.19 8.42
N LYS A 68 -13.35 -5.34 9.52
CA LYS A 68 -13.81 -6.08 10.70
C LYS A 68 -15.00 -5.39 11.38
N ILE A 69 -15.03 -4.05 11.42
CA ILE A 69 -16.11 -3.35 12.10
C ILE A 69 -17.43 -3.61 11.36
N LYS A 70 -17.34 -3.86 10.05
CA LYS A 70 -18.49 -4.08 9.19
C LYS A 70 -18.98 -5.51 9.37
N SER A 71 -18.09 -6.49 9.30
CA SER A 71 -18.47 -7.87 9.51
C SER A 71 -18.99 -8.11 10.94
N GLU A 72 -18.43 -7.42 11.95
CA GLU A 72 -18.89 -7.53 13.33
C GLU A 72 -20.28 -6.91 13.50
N LEU A 73 -20.49 -5.73 12.90
CA LEU A 73 -21.77 -5.06 13.02
C LEU A 73 -22.87 -5.88 12.33
N GLU A 74 -22.49 -6.65 11.30
CA GLU A 74 -23.43 -7.35 10.45
C GLU A 74 -23.85 -8.69 11.03
N LYS A 75 -23.19 -9.13 12.11
CA LYS A 75 -23.58 -10.30 12.88
C LYS A 75 -24.74 -9.96 13.82
N ILE A 76 -24.87 -8.68 14.17
CA ILE A 76 -25.97 -8.15 14.97
C ILE A 76 -27.13 -7.72 14.05
N ILE A 77 -26.84 -6.95 12.98
CA ILE A 77 -27.85 -6.50 12.02
C ILE A 77 -27.36 -6.74 10.60
N PRO A 78 -27.72 -7.87 9.92
CA PRO A 78 -27.37 -8.06 8.51
C PRO A 78 -27.83 -6.86 7.68
N LEU A 79 -27.15 -6.59 6.54
CA LEU A 79 -27.71 -5.65 5.59
C LEU A 79 -28.47 -6.45 4.52
N LYS A 80 -29.75 -6.08 4.34
CA LYS A 80 -30.54 -6.48 3.18
C LYS A 80 -29.80 -6.00 1.94
N PRO A 81 -29.68 -4.65 1.72
CA PRO A 81 -29.10 -4.08 0.51
C PRO A 81 -27.93 -4.79 -0.22
N TYR A 82 -27.66 -4.35 -1.46
CA TYR A 82 -28.50 -3.39 -2.18
C TYR A 82 -28.86 -3.94 -3.55
N ILE A 83 -30.09 -3.62 -3.99
CA ILE A 83 -30.48 -3.71 -5.39
C ILE A 83 -31.34 -2.48 -5.67
N ASN A 84 -31.05 -1.81 -6.79
CA ASN A 84 -31.62 -0.51 -7.13
C ASN A 84 -33.11 -0.66 -7.47
N PRO A 85 -34.04 0.20 -6.94
CA PRO A 85 -35.47 -0.05 -7.08
C PRO A 85 -35.96 -0.17 -8.51
N LYS A 86 -35.22 0.43 -9.45
CA LYS A 86 -35.56 0.46 -10.86
C LYS A 86 -35.32 -0.92 -11.51
N TYR A 87 -34.32 -1.68 -11.03
CA TYR A 87 -33.97 -2.95 -11.64
C TYR A 87 -34.35 -4.17 -10.77
N ALA A 88 -35.18 -3.99 -9.73
CA ALA A 88 -35.47 -5.07 -8.80
C ALA A 88 -36.11 -6.26 -9.53
N LYS A 89 -36.98 -5.97 -10.50
CA LYS A 89 -37.70 -6.99 -11.22
C LYS A 89 -36.69 -7.85 -12.01
N CYS A 90 -35.57 -7.26 -12.41
CA CYS A 90 -34.56 -7.93 -13.22
C CYS A 90 -33.93 -9.05 -12.41
N TYR A 91 -33.91 -8.89 -11.08
CA TYR A 91 -33.24 -9.84 -10.19
C TYR A 91 -34.24 -10.91 -9.71
N THR A 92 -35.48 -10.97 -10.24
CA THR A 92 -36.36 -12.12 -10.02
C THR A 92 -36.20 -13.21 -11.10
N TYR A 93 -35.39 -12.98 -12.15
CA TYR A 93 -35.19 -14.00 -13.17
C TYR A 93 -33.93 -14.80 -12.81
N THR A 94 -33.88 -16.03 -13.28
CA THR A 94 -32.68 -16.84 -13.25
C THR A 94 -32.29 -17.22 -14.69
N ALA A 95 -31.16 -17.91 -14.82
CA ALA A 95 -30.69 -18.49 -16.08
C ALA A 95 -31.75 -19.31 -16.81
N ASN A 96 -32.73 -19.86 -16.08
CA ASN A 96 -33.77 -20.68 -16.67
C ASN A 96 -34.93 -19.84 -17.20
N THR A 97 -35.05 -18.57 -16.80
CA THR A 97 -36.21 -17.76 -17.17
C THR A 97 -35.79 -16.42 -17.80
N ILE A 98 -34.50 -16.25 -18.10
CA ILE A 98 -34.03 -14.95 -18.58
C ILE A 98 -34.59 -14.60 -19.97
N LEU A 99 -34.97 -15.59 -20.78
CA LEU A 99 -35.64 -15.32 -22.05
C LEU A 99 -37.07 -14.74 -21.90
N ASP A 100 -37.66 -14.76 -20.69
CA ASP A 100 -38.97 -14.15 -20.44
C ASP A 100 -38.81 -12.71 -19.97
N ALA A 101 -37.58 -12.28 -19.66
CA ALA A 101 -37.32 -10.91 -19.18
C ALA A 101 -37.30 -9.95 -20.37
N ASN A 102 -37.77 -8.72 -20.10
CA ASN A 102 -37.69 -7.62 -21.05
C ASN A 102 -36.21 -7.37 -21.34
N LEU A 103 -35.95 -6.52 -22.34
CA LEU A 103 -34.62 -6.38 -22.92
C LEU A 103 -33.66 -5.68 -21.95
N THR A 104 -34.15 -4.67 -21.23
CA THR A 104 -33.37 -3.98 -20.20
C THR A 104 -32.89 -4.97 -19.15
N CYS A 105 -33.82 -5.84 -18.68
CA CYS A 105 -33.52 -6.85 -17.68
C CYS A 105 -32.48 -7.82 -18.23
N GLN A 106 -32.61 -8.23 -19.48
CA GLN A 106 -31.62 -9.11 -20.10
C GLN A 106 -30.25 -8.45 -20.05
N SER A 107 -30.15 -7.17 -20.46
CA SER A 107 -28.83 -6.56 -20.59
C SER A 107 -28.18 -6.34 -19.21
N VAL A 108 -28.99 -5.98 -18.21
CA VAL A 108 -28.53 -5.78 -16.85
C VAL A 108 -27.94 -7.10 -16.29
N ARG A 109 -28.67 -8.22 -16.44
CA ARG A 109 -28.21 -9.48 -15.88
C ARG A 109 -26.93 -9.97 -16.57
N LEU A 110 -26.72 -9.54 -17.82
CA LEU A 110 -25.60 -9.96 -18.64
C LEU A 110 -24.34 -9.12 -18.35
N ASN A 111 -24.41 -8.18 -17.38
CA ASN A 111 -23.24 -7.54 -16.80
C ASN A 111 -22.34 -8.51 -16.04
N SER A 112 -22.90 -9.65 -15.59
CA SER A 112 -22.19 -10.63 -14.79
C SER A 112 -21.74 -11.79 -15.68
N LEU A 113 -20.42 -12.05 -15.71
CA LEU A 113 -19.88 -13.16 -16.49
C LEU A 113 -20.24 -14.52 -15.90
N VAL A 114 -20.37 -14.60 -14.58
CA VAL A 114 -20.87 -15.80 -13.91
C VAL A 114 -22.27 -16.15 -14.42
N PHE A 115 -23.16 -15.14 -14.47
CA PHE A 115 -24.50 -15.31 -15.02
C PHE A 115 -24.40 -15.87 -16.44
N ILE A 116 -23.54 -15.27 -17.29
CA ILE A 116 -23.32 -15.74 -18.66
C ILE A 116 -22.82 -17.19 -18.69
N ALA A 117 -21.82 -17.51 -17.86
CA ALA A 117 -21.30 -18.88 -17.76
C ALA A 117 -22.42 -19.86 -17.37
N SER A 118 -23.39 -19.41 -16.54
CA SER A 118 -24.46 -20.26 -16.05
C SER A 118 -25.51 -20.55 -17.13
N LEU A 119 -25.58 -19.75 -18.20
CA LEU A 119 -26.65 -19.95 -19.18
C LEU A 119 -26.35 -21.21 -19.97
N ASN A 120 -27.36 -21.85 -20.57
CA ASN A 120 -27.07 -22.90 -21.53
C ASN A 120 -26.73 -22.26 -22.89
N SER A 121 -26.04 -23.05 -23.73
CA SER A 121 -25.42 -22.52 -24.93
C SER A 121 -26.45 -22.09 -25.98
N LYS A 122 -27.60 -22.78 -26.05
CA LYS A 122 -28.65 -22.38 -26.99
C LYS A 122 -29.11 -20.97 -26.67
N ASP A 123 -29.27 -20.66 -25.36
CA ASP A 123 -29.76 -19.35 -24.94
C ASP A 123 -28.69 -18.29 -25.10
N ARG A 124 -27.39 -18.68 -25.07
CA ARG A 124 -26.30 -17.74 -25.32
C ARG A 124 -26.34 -17.36 -26.80
N THR A 125 -26.69 -18.31 -27.69
CA THR A 125 -26.83 -18.02 -29.12
C THR A 125 -28.00 -17.05 -29.37
N THR A 126 -29.15 -17.31 -28.77
CA THR A 126 -30.33 -16.48 -28.94
C THR A 126 -30.02 -15.07 -28.49
N LEU A 127 -29.54 -14.94 -27.26
CA LEU A 127 -29.19 -13.63 -26.71
C LEU A 127 -28.10 -12.92 -27.51
N ALA A 128 -27.12 -13.66 -28.04
CA ALA A 128 -26.04 -13.08 -28.83
C ALA A 128 -26.62 -12.34 -30.05
N GLN A 129 -27.55 -12.99 -30.76
CA GLN A 129 -28.27 -12.38 -31.87
C GLN A 129 -29.14 -11.21 -31.44
N THR A 130 -29.88 -11.35 -30.33
CA THR A 130 -30.70 -10.26 -29.80
C THR A 130 -29.86 -8.98 -29.67
N PHE A 131 -28.59 -9.11 -29.25
CA PHE A 131 -27.78 -7.97 -28.88
C PHE A 131 -26.72 -7.60 -29.92
N LYS A 132 -26.65 -8.29 -31.08
CA LYS A 132 -25.55 -8.04 -32.02
C LYS A 132 -25.37 -6.57 -32.39
N ASN A 133 -26.48 -5.87 -32.69
CA ASN A 133 -26.46 -4.49 -33.14
C ASN A 133 -26.22 -3.53 -31.99
N GLN A 134 -27.06 -3.63 -30.95
CA GLN A 134 -27.12 -2.64 -29.88
C GLN A 134 -25.96 -2.81 -28.88
N ARG A 135 -25.57 -4.07 -28.59
CA ARG A 135 -24.58 -4.37 -27.55
C ARG A 135 -23.64 -5.50 -28.00
N PRO A 136 -22.79 -5.26 -29.03
CA PRO A 136 -21.84 -6.29 -29.51
C PRO A 136 -20.81 -6.74 -28.47
N ASP A 137 -20.55 -5.91 -27.44
CA ASP A 137 -19.82 -6.33 -26.25
C ASP A 137 -20.47 -7.55 -25.58
N LEU A 138 -21.80 -7.57 -25.44
CA LEU A 138 -22.50 -8.72 -24.89
C LEU A 138 -22.45 -9.90 -25.85
N THR A 139 -22.73 -9.65 -27.14
CA THR A 139 -22.64 -10.67 -28.17
C THR A 139 -21.30 -11.43 -28.12
N ASN A 140 -20.21 -10.68 -28.03
CA ASN A 140 -18.88 -11.27 -27.97
C ASN A 140 -18.69 -12.17 -26.74
N LEU A 141 -19.14 -11.71 -25.57
CA LEU A 141 -18.96 -12.49 -24.34
C LEU A 141 -19.87 -13.73 -24.36
N LEU A 142 -21.11 -13.57 -24.84
CA LEU A 142 -22.02 -14.71 -24.98
C LEU A 142 -21.43 -15.78 -25.88
N LEU A 143 -20.94 -15.38 -27.04
CA LEU A 143 -20.47 -16.37 -28.00
C LEU A 143 -19.14 -16.91 -27.53
N ALA A 144 -18.36 -16.11 -26.77
CA ALA A 144 -17.10 -16.57 -26.23
C ALA A 144 -17.31 -17.74 -25.28
N PHE A 145 -18.37 -17.64 -24.45
CA PHE A 145 -18.66 -18.67 -23.45
C PHE A 145 -19.26 -19.97 -24.05
N ASN A 146 -19.65 -19.95 -25.34
CA ASN A 146 -20.01 -21.16 -26.07
C ASN A 146 -18.76 -21.90 -26.57
N THR A 147 -17.55 -21.39 -26.27
CA THR A 147 -16.34 -22.09 -26.67
C THR A 147 -15.67 -22.63 -25.43
N SER A 148 -14.74 -23.55 -25.63
CA SER A 148 -13.94 -24.06 -24.52
C SER A 148 -12.86 -23.06 -24.05
N ASP A 149 -12.62 -21.93 -24.74
CA ASP A 149 -11.68 -20.89 -24.29
C ASP A 149 -12.22 -19.49 -24.64
N PRO A 150 -13.02 -18.89 -23.73
CA PRO A 150 -13.59 -17.57 -23.96
C PRO A 150 -12.56 -16.47 -24.20
N MET A 151 -11.44 -16.56 -23.48
CA MET A 151 -10.35 -15.61 -23.60
C MET A 151 -9.83 -15.53 -25.03
N SER A 152 -9.57 -16.69 -25.63
CA SER A 152 -9.07 -16.79 -26.99
C SER A 152 -10.05 -16.20 -28.00
N TYR A 153 -11.35 -16.39 -27.76
CA TYR A 153 -12.36 -15.77 -28.61
C TYR A 153 -12.28 -14.25 -28.49
N ILE A 154 -12.20 -13.74 -27.25
CA ILE A 154 -12.21 -12.31 -26.98
C ILE A 154 -10.93 -11.69 -27.53
N VAL A 155 -9.81 -12.36 -27.37
CA VAL A 155 -8.52 -11.87 -27.89
C VAL A 155 -8.51 -11.75 -29.41
N GLN A 156 -9.15 -12.73 -30.09
CA GLN A 156 -9.27 -12.71 -31.54
C GLN A 156 -10.12 -11.52 -31.97
N LYS A 157 -11.15 -11.12 -31.22
CA LYS A 157 -11.96 -9.94 -31.58
C LYS A 157 -11.25 -8.63 -31.24
N GLU A 158 -10.22 -8.69 -30.40
CA GLU A 158 -9.54 -7.53 -29.84
C GLU A 158 -10.58 -6.68 -29.10
N ASP A 159 -11.47 -7.37 -28.38
CA ASP A 159 -12.43 -6.70 -27.53
C ASP A 159 -11.72 -6.42 -26.20
N ILE A 160 -11.34 -5.17 -25.97
CA ILE A 160 -10.50 -4.78 -24.85
C ILE A 160 -11.31 -4.79 -23.54
N ASN A 161 -12.55 -4.28 -23.57
CA ASN A 161 -13.37 -4.29 -22.37
C ASN A 161 -13.68 -5.72 -21.96
N GLY A 162 -13.94 -6.58 -22.95
CA GLY A 162 -14.22 -7.99 -22.77
C GLY A 162 -13.03 -8.69 -22.11
N PHE A 163 -11.81 -8.31 -22.52
CA PHE A 163 -10.59 -8.89 -22.01
C PHE A 163 -10.49 -8.65 -20.51
N PHE A 164 -10.73 -7.41 -20.05
CA PHE A 164 -10.55 -7.07 -18.64
C PHE A 164 -11.67 -7.68 -17.79
N LYS A 165 -12.88 -7.79 -18.36
CA LYS A 165 -14.00 -8.42 -17.67
C LYS A 165 -13.70 -9.91 -17.42
N LEU A 166 -13.12 -10.58 -18.42
CA LEU A 166 -12.71 -11.98 -18.33
C LEU A 166 -11.56 -12.16 -17.34
N TYR A 167 -10.57 -11.25 -17.39
CA TYR A 167 -9.46 -11.32 -16.45
C TYR A 167 -9.99 -11.22 -15.01
N ASN A 168 -10.94 -10.33 -14.77
CA ASN A 168 -11.51 -10.12 -13.45
C ASN A 168 -12.38 -11.30 -13.01
N TYR A 169 -13.05 -11.97 -13.95
CA TYR A 169 -13.83 -13.18 -13.69
C TYR A 169 -12.88 -14.33 -13.36
N SER A 170 -11.77 -14.49 -14.12
CA SER A 170 -10.80 -15.53 -13.83
C SER A 170 -9.40 -15.13 -14.31
N LYS A 171 -8.49 -15.10 -13.33
CA LYS A 171 -7.04 -14.95 -13.51
C LYS A 171 -6.39 -16.11 -14.24
N LYS A 172 -7.09 -17.24 -14.44
CA LYS A 172 -6.44 -18.46 -14.87
C LYS A 172 -6.26 -18.50 -16.39
N TYR A 173 -7.09 -17.73 -17.12
CA TYR A 173 -6.89 -17.53 -18.55
C TYR A 173 -5.49 -16.93 -18.76
N ASP A 174 -4.80 -17.52 -19.73
CA ASP A 174 -3.47 -17.08 -20.13
C ASP A 174 -3.26 -17.44 -21.60
N LEU A 175 -2.75 -16.46 -22.36
CA LEU A 175 -2.65 -16.60 -23.80
C LEU A 175 -1.62 -15.59 -24.30
N ASP A 176 -0.97 -15.92 -25.42
CA ASP A 176 -0.11 -14.99 -26.12
C ASP A 176 -0.98 -13.93 -26.80
N LEU A 177 -0.55 -12.67 -26.72
CA LEU A 177 -1.25 -11.52 -27.25
C LEU A 177 -0.32 -10.85 -28.25
N ASN A 178 -0.84 -10.47 -29.42
CA ASN A 178 0.04 -9.95 -30.46
C ASN A 178 0.32 -8.47 -30.15
N THR A 179 1.12 -7.82 -30.99
CA THR A 179 1.61 -6.46 -30.75
C THR A 179 0.45 -5.46 -30.80
N SER A 180 -0.42 -5.62 -31.77
CA SER A 180 -1.60 -4.76 -31.92
C SER A 180 -2.47 -4.80 -30.65
N LEU A 181 -2.80 -6.00 -30.14
CA LEU A 181 -3.66 -6.14 -28.98
C LEU A 181 -3.02 -5.55 -27.73
N VAL A 182 -1.76 -5.86 -27.44
CA VAL A 182 -1.16 -5.47 -26.16
C VAL A 182 -1.01 -3.96 -26.09
N ASN A 183 -0.76 -3.32 -27.22
CA ASN A 183 -0.63 -1.87 -27.29
C ASN A 183 -1.98 -1.18 -27.12
N LYS A 184 -3.11 -1.93 -27.21
CA LYS A 184 -4.43 -1.37 -26.88
C LYS A 184 -4.76 -1.49 -25.37
N LEU A 185 -4.13 -2.42 -24.65
CA LEU A 185 -4.56 -2.66 -23.27
C LEU A 185 -4.32 -1.45 -22.34
N PRO A 186 -3.22 -0.67 -22.48
CA PRO A 186 -2.91 0.43 -21.56
C PRO A 186 -3.94 1.57 -21.50
N ASN A 187 -4.78 1.68 -22.53
CA ASN A 187 -5.78 2.73 -22.56
C ASN A 187 -6.93 2.40 -21.58
N HIS A 188 -7.05 1.16 -21.07
CA HIS A 188 -8.12 0.80 -20.16
C HIS A 188 -7.65 0.97 -18.71
N ILE A 189 -8.57 1.42 -17.84
CA ILE A 189 -8.25 1.73 -16.44
C ILE A 189 -7.76 0.50 -15.68
N GLY A 190 -8.21 -0.70 -16.10
CA GLY A 190 -7.80 -1.94 -15.49
C GLY A 190 -6.33 -2.29 -15.73
N PHE A 191 -5.68 -1.62 -16.70
CA PHE A 191 -4.39 -2.10 -17.16
C PHE A 191 -3.36 -2.10 -16.02
N LYS A 192 -3.33 -1.04 -15.21
CA LYS A 192 -2.24 -0.80 -14.25
C LYS A 192 -2.13 -1.94 -13.23
N ASP A 193 -3.27 -2.28 -12.62
CA ASP A 193 -3.44 -3.36 -11.66
C ASP A 193 -3.20 -4.74 -12.31
N PHE A 194 -3.73 -4.97 -13.50
CA PHE A 194 -3.42 -6.12 -14.31
C PHE A 194 -1.91 -6.28 -14.49
N ALA A 195 -1.19 -5.23 -14.92
CA ALA A 195 0.25 -5.36 -15.16
C ALA A 195 1.00 -5.67 -13.86
N GLN A 196 0.76 -4.85 -12.85
CA GLN A 196 1.39 -5.00 -11.56
C GLN A 196 1.17 -6.41 -11.01
N ASN A 197 -0.09 -6.83 -10.98
CA ASN A 197 -0.47 -8.10 -10.40
C ASN A 197 0.30 -9.24 -11.06
N ILE A 198 0.20 -9.38 -12.40
CA ILE A 198 0.84 -10.53 -13.03
C ILE A 198 2.37 -10.44 -12.96
N ILE A 199 2.98 -9.24 -13.03
CA ILE A 199 4.44 -9.13 -13.01
C ILE A 199 4.98 -9.48 -11.61
N ILE A 200 4.39 -8.91 -10.55
CA ILE A 200 4.84 -9.11 -9.17
C ILE A 200 4.53 -10.55 -8.68
N LYS A 201 3.39 -11.13 -9.07
CA LYS A 201 3.00 -12.45 -8.61
C LYS A 201 3.59 -13.54 -9.51
N LYS A 202 4.21 -13.15 -10.64
CA LYS A 202 4.82 -14.09 -11.58
C LYS A 202 3.79 -15.09 -12.07
N GLU A 203 2.65 -14.55 -12.50
CA GLU A 203 1.55 -15.35 -13.03
C GLU A 203 1.37 -15.00 -14.50
N ASN A 204 0.55 -15.81 -15.17
CA ASN A 204 0.16 -15.53 -16.55
C ASN A 204 1.41 -15.29 -17.38
N PRO A 205 2.29 -16.30 -17.49
CA PRO A 205 3.54 -16.15 -18.23
C PRO A 205 3.38 -15.70 -19.68
N LYS A 206 2.28 -16.07 -20.34
CA LYS A 206 2.09 -15.68 -21.72
C LYS A 206 1.68 -14.21 -21.86
N PHE A 207 0.85 -13.74 -20.92
CA PHE A 207 0.53 -12.32 -20.83
C PHE A 207 1.82 -11.54 -20.58
N ARG A 208 2.63 -12.05 -19.65
CA ARG A 208 3.85 -11.36 -19.25
C ARG A 208 4.80 -11.21 -20.43
N HIS A 209 5.08 -12.32 -21.12
CA HIS A 209 5.98 -12.29 -22.25
C HIS A 209 5.46 -11.34 -23.34
N SER A 210 4.14 -11.32 -23.54
CA SER A 210 3.52 -10.55 -24.60
C SER A 210 3.70 -9.06 -24.35
N MET A 211 3.78 -8.67 -23.06
CA MET A 211 3.88 -7.27 -22.68
C MET A 211 5.28 -6.68 -22.90
N LEU A 212 6.24 -7.49 -23.35
CA LEU A 212 7.50 -7.02 -23.92
C LEU A 212 7.30 -6.13 -25.18
N GLU A 213 6.20 -6.31 -25.90
CA GLU A 213 5.97 -5.64 -27.17
C GLU A 213 5.15 -4.37 -26.97
N ILE A 214 4.83 -4.01 -25.73
CA ILE A 214 4.18 -2.73 -25.53
C ILE A 214 5.17 -1.61 -25.85
N ASN A 215 4.74 -0.68 -26.72
CA ASN A 215 5.51 0.50 -27.05
C ASN A 215 5.58 1.37 -25.80
N PRO A 216 6.76 1.81 -25.33
CA PRO A 216 6.86 2.74 -24.20
C PRO A 216 6.07 4.04 -24.37
N GLU A 217 5.86 4.45 -25.64
CA GLU A 217 5.06 5.63 -25.94
C GLU A 217 3.62 5.44 -25.46
N ASN A 218 3.16 4.19 -25.29
CA ASN A 218 1.74 3.97 -24.97
C ASN A 218 1.50 3.83 -23.46
N VAL A 219 2.57 3.92 -22.64
CA VAL A 219 2.42 3.75 -21.19
C VAL A 219 3.15 4.87 -20.48
N SER A 220 2.85 4.99 -19.17
CA SER A 220 3.45 6.01 -18.33
C SER A 220 3.44 5.57 -16.88
N GLU A 221 4.26 6.25 -16.08
CA GLU A 221 4.15 6.24 -14.62
C GLU A 221 4.38 4.81 -14.14
N ASP A 222 3.56 4.33 -13.20
CA ASP A 222 3.73 3.00 -12.62
C ASP A 222 3.72 1.89 -13.68
N SER A 223 2.79 1.99 -14.64
CA SER A 223 2.66 0.98 -15.67
C SER A 223 3.99 0.81 -16.41
N ALA A 224 4.58 1.95 -16.81
CA ALA A 224 5.84 1.92 -17.53
C ALA A 224 6.93 1.31 -16.65
N PHE A 225 6.92 1.66 -15.36
CA PHE A 225 7.92 1.18 -14.43
C PHE A 225 7.81 -0.35 -14.33
N TYR A 226 6.60 -0.89 -14.15
CA TYR A 226 6.40 -2.33 -14.00
C TYR A 226 6.79 -3.06 -15.28
N LEU A 227 6.52 -2.44 -16.44
CA LEU A 227 6.91 -3.03 -17.71
C LEU A 227 8.42 -3.06 -17.89
N GLY A 228 9.11 -2.09 -17.27
CA GLY A 228 10.57 -2.13 -17.18
C GLY A 228 11.06 -3.29 -16.33
N VAL A 229 10.41 -3.54 -15.18
CA VAL A 229 10.76 -4.68 -14.32
C VAL A 229 10.50 -5.98 -15.07
N ASN A 230 9.36 -6.05 -15.76
CA ASN A 230 9.03 -7.20 -16.60
C ASN A 230 10.16 -7.44 -17.59
N ALA A 231 10.61 -6.40 -18.29
CA ALA A 231 11.61 -6.60 -19.33
C ALA A 231 12.90 -7.18 -18.74
N LEU A 232 13.32 -6.68 -17.58
CA LEU A 232 14.49 -7.23 -16.92
C LEU A 232 14.35 -8.72 -16.61
N THR A 233 13.16 -9.19 -16.15
CA THR A 233 12.98 -10.63 -15.86
C THR A 233 13.25 -11.50 -17.10
N TYR A 234 13.10 -10.96 -18.33
CA TYR A 234 13.36 -11.68 -19.57
C TYR A 234 14.71 -11.29 -20.19
N ASP A 235 15.55 -10.55 -19.43
CA ASP A 235 16.84 -10.02 -19.86
C ASP A 235 16.74 -9.22 -21.17
N LYS A 236 15.69 -8.41 -21.31
CA LYS A 236 15.57 -7.44 -22.38
C LYS A 236 15.97 -6.06 -21.87
N THR A 237 17.28 -5.85 -21.69
CA THR A 237 17.81 -4.67 -20.98
C THR A 237 17.51 -3.38 -21.76
N GLU A 238 17.58 -3.41 -23.10
CA GLU A 238 17.23 -2.25 -23.91
C GLU A 238 15.77 -1.85 -23.74
N LEU A 239 14.81 -2.80 -23.89
CA LEU A 239 13.41 -2.46 -23.68
C LEU A 239 13.20 -1.92 -22.26
N ALA A 240 13.91 -2.51 -21.29
CA ALA A 240 13.73 -2.14 -19.91
C ALA A 240 14.16 -0.70 -19.72
N TYR A 241 15.33 -0.34 -20.28
CA TYR A 241 15.79 1.05 -20.21
C TYR A 241 14.69 1.98 -20.70
N ASP A 242 14.12 1.68 -21.87
CA ASP A 242 13.17 2.56 -22.53
C ASP A 242 11.91 2.72 -21.67
N PHE A 243 11.48 1.64 -21.01
CA PHE A 243 10.33 1.73 -20.12
C PHE A 243 10.67 2.58 -18.89
N PHE A 244 11.83 2.33 -18.29
CA PHE A 244 12.19 3.07 -17.07
C PHE A 244 12.34 4.56 -17.38
N LYS A 245 12.87 4.86 -18.57
CA LYS A 245 13.09 6.23 -18.98
C LYS A 245 11.75 6.92 -19.14
N LYS A 246 10.79 6.23 -19.77
CA LYS A 246 9.46 6.78 -19.88
C LYS A 246 8.81 7.00 -18.51
N ALA A 247 9.02 6.06 -17.59
CA ALA A 247 8.54 6.21 -16.22
C ALA A 247 9.19 7.44 -15.56
N ALA A 248 10.49 7.66 -15.80
CA ALA A 248 11.23 8.75 -15.16
C ALA A 248 10.66 10.09 -15.61
N GLN A 249 10.34 10.16 -16.91
CA GLN A 249 9.80 11.38 -17.49
C GLN A 249 8.36 11.68 -17.09
N SER A 250 7.57 10.67 -16.66
CA SER A 250 6.13 10.88 -16.47
C SER A 250 5.75 10.84 -14.99
N PHE A 251 6.59 10.22 -14.13
CA PHE A 251 6.22 10.08 -12.74
C PHE A 251 5.97 11.46 -12.12
N LYS A 252 4.95 11.56 -11.26
CA LYS A 252 4.66 12.80 -10.55
C LYS A 252 5.56 12.97 -9.32
N SER A 253 5.87 11.88 -8.61
CA SER A 253 6.67 11.98 -7.40
C SER A 253 8.16 11.81 -7.71
N GLN A 254 8.98 12.68 -7.08
CA GLN A 254 10.42 12.73 -7.26
C GLN A 254 11.04 11.41 -6.80
N SER A 255 10.48 10.83 -5.75
CA SER A 255 10.93 9.58 -5.19
C SER A 255 10.81 8.45 -6.22
N ASN A 256 9.65 8.39 -6.88
CA ASN A 256 9.42 7.38 -7.91
C ASN A 256 10.30 7.62 -9.13
N LYS A 257 10.47 8.90 -9.46
CA LYS A 257 11.33 9.31 -10.56
C LYS A 257 12.76 8.82 -10.32
N ASP A 258 13.24 8.99 -9.08
CA ASP A 258 14.57 8.54 -8.67
C ASP A 258 14.72 7.03 -8.81
N ASN A 259 13.69 6.28 -8.43
CA ASN A 259 13.69 4.83 -8.57
C ASN A 259 13.89 4.44 -10.04
N ALA A 260 13.25 5.19 -10.95
CA ALA A 260 13.29 4.93 -12.39
C ALA A 260 14.65 5.31 -12.98
N ILE A 261 15.20 6.46 -12.57
CA ILE A 261 16.53 6.91 -12.98
C ILE A 261 17.59 5.94 -12.49
N PHE A 262 17.43 5.43 -11.27
CA PHE A 262 18.37 4.42 -10.77
C PHE A 262 18.48 3.23 -11.71
N TRP A 263 17.33 2.74 -12.22
CA TRP A 263 17.32 1.61 -13.13
C TRP A 263 17.91 1.99 -14.48
N MET A 264 17.60 3.19 -15.00
CA MET A 264 18.27 3.70 -16.19
C MET A 264 19.78 3.62 -16.01
N TRP A 265 20.29 4.07 -14.85
CA TRP A 265 21.72 4.05 -14.58
C TRP A 265 22.26 2.62 -14.50
N LEU A 266 21.64 1.79 -13.67
CA LEU A 266 22.11 0.42 -13.51
C LEU A 266 22.17 -0.36 -14.84
N ILE A 267 21.26 -0.09 -15.77
CA ILE A 267 21.25 -0.81 -17.03
C ILE A 267 22.32 -0.28 -18.00
N LYS A 268 22.39 1.03 -18.22
CA LYS A 268 23.20 1.59 -19.30
C LYS A 268 24.42 2.35 -18.77
N ASN A 269 24.47 2.67 -17.47
CA ASN A 269 25.58 3.38 -16.82
C ASN A 269 25.95 4.70 -17.49
N ASN A 270 24.98 5.51 -17.91
CA ASN A 270 25.27 6.86 -18.32
C ASN A 270 25.41 7.69 -17.04
N GLU A 271 26.54 8.42 -16.93
CA GLU A 271 26.88 9.09 -15.67
C GLU A 271 26.10 10.39 -15.50
N GLU A 272 25.41 10.89 -16.53
CA GLU A 272 24.46 11.98 -16.33
C GLU A 272 23.24 11.51 -15.52
N ASP A 273 22.83 10.24 -15.67
CA ASP A 273 21.67 9.72 -14.97
C ASP A 273 22.02 9.64 -13.49
N LEU A 274 23.21 9.13 -13.19
CA LEU A 274 23.64 9.03 -11.80
C LEU A 274 23.81 10.41 -11.16
N LYS A 275 24.33 11.34 -11.95
CA LYS A 275 24.55 12.69 -11.45
C LYS A 275 23.18 13.27 -11.10
N THR A 276 22.24 13.24 -12.05
CA THR A 276 20.87 13.71 -11.79
C THR A 276 20.28 13.03 -10.54
N LEU A 277 20.53 11.73 -10.34
CA LEU A 277 20.00 11.01 -9.18
C LEU A 277 20.67 11.51 -7.88
N SER A 278 22.00 11.74 -7.92
CA SER A 278 22.75 12.23 -6.76
C SER A 278 22.31 13.63 -6.30
N GLN A 279 21.71 14.43 -7.19
CA GLN A 279 21.37 15.81 -6.88
C GLN A 279 19.88 15.96 -6.61
N SER A 280 19.17 14.84 -6.46
CA SER A 280 17.75 14.83 -6.16
C SER A 280 17.46 15.50 -4.82
N SER A 281 16.33 16.20 -4.79
CA SER A 281 15.80 16.83 -3.58
C SER A 281 15.02 15.83 -2.72
N SER A 282 14.67 14.66 -3.27
CA SER A 282 14.06 13.59 -2.51
C SER A 282 15.14 12.72 -1.87
N LEU A 283 14.94 12.45 -0.56
CA LEU A 283 15.78 11.56 0.19
C LEU A 283 15.14 10.18 0.20
N ASN A 284 15.85 9.22 -0.41
CA ASN A 284 15.36 7.88 -0.59
C ASN A 284 16.59 7.03 -0.85
N ILE A 285 16.44 5.71 -0.82
CA ILE A 285 17.60 4.85 -0.91
C ILE A 285 18.37 5.05 -2.22
N TYR A 286 17.69 5.50 -3.29
CA TYR A 286 18.33 5.58 -4.59
C TYR A 286 19.22 6.83 -4.61
N SER A 287 18.67 7.97 -4.16
CA SER A 287 19.43 9.22 -4.11
C SER A 287 20.54 9.11 -3.08
N LEU A 288 20.27 8.48 -1.92
CA LEU A 288 21.32 8.22 -0.95
C LEU A 288 22.46 7.41 -1.56
N TYR A 289 22.12 6.34 -2.29
CA TYR A 289 23.14 5.48 -2.86
C TYR A 289 23.93 6.21 -3.94
N ALA A 290 23.23 6.99 -4.78
CA ALA A 290 23.89 7.77 -5.82
C ALA A 290 24.88 8.75 -5.19
N LYS A 291 24.51 9.37 -4.06
CA LYS A 291 25.35 10.35 -3.39
C LYS A 291 26.61 9.69 -2.88
N GLU A 292 26.47 8.48 -2.37
CA GLU A 292 27.60 7.74 -1.85
C GLU A 292 28.55 7.32 -2.99
N LEU A 293 28.00 6.94 -4.16
CA LEU A 293 28.81 6.50 -5.29
C LEU A 293 29.64 7.63 -5.89
N THR A 294 29.19 8.89 -5.73
CA THR A 294 29.80 10.06 -6.34
C THR A 294 30.51 10.94 -5.30
N ASN A 295 30.73 10.42 -4.08
CA ASN A 295 31.38 11.18 -3.04
C ASN A 295 30.66 12.52 -2.80
N THR A 296 29.32 12.53 -2.96
CA THR A 296 28.49 13.69 -2.66
C THR A 296 28.14 13.66 -1.18
N PRO A 297 28.18 14.82 -0.46
CA PRO A 297 27.84 14.85 0.96
C PRO A 297 26.43 14.38 1.30
N PHE A 298 26.31 13.80 2.50
CA PHE A 298 25.04 13.39 3.06
C PHE A 298 24.10 14.58 3.04
N PRO A 299 22.81 14.37 2.69
CA PRO A 299 21.87 15.49 2.62
C PRO A 299 21.69 16.09 4.03
N LYS A 300 21.36 17.37 4.01
CA LYS A 300 21.09 18.17 5.18
C LYS A 300 19.81 17.71 5.88
N ILE A 301 19.94 17.46 7.18
CA ILE A 301 18.81 17.18 8.02
C ILE A 301 18.47 18.36 8.92
N GLU A 302 17.22 18.83 8.81
CA GLU A 302 16.72 19.87 9.67
C GLU A 302 16.90 19.47 11.12
N SER A 303 17.07 20.54 11.92
CA SER A 303 17.26 20.48 13.36
C SER A 303 16.11 21.24 14.02
N LEU A 304 15.23 20.49 14.70
CA LEU A 304 14.06 21.06 15.33
C LEU A 304 14.31 21.03 16.82
N ASN A 305 14.41 22.19 17.44
CA ASN A 305 14.58 22.22 18.88
C ASN A 305 13.75 23.39 19.41
N PRO A 306 12.46 23.18 19.73
CA PRO A 306 11.60 24.25 20.25
C PRO A 306 12.00 24.66 21.66
N SER A 307 12.03 25.98 21.94
CA SER A 307 12.34 26.47 23.28
C SER A 307 11.16 26.23 24.23
N LYS A 308 9.91 26.56 23.82
CA LYS A 308 8.71 26.29 24.62
C LYS A 308 8.63 24.82 25.01
N LYS A 309 8.16 24.53 26.23
CA LYS A 309 8.21 23.19 26.77
C LYS A 309 6.89 22.44 26.56
N LYS A 310 5.76 23.16 26.56
CA LYS A 310 4.46 22.50 26.40
C LYS A 310 3.39 23.50 25.92
N ASN A 311 2.19 22.97 25.64
CA ASN A 311 0.99 23.78 25.43
C ASN A 311 -0.22 23.06 26.03
N ASN A 312 -1.41 23.43 25.56
CA ASN A 312 -2.67 22.95 26.13
C ASN A 312 -3.01 21.53 25.65
N PHE A 313 -2.33 21.04 24.60
CA PHE A 313 -2.77 19.89 23.83
C PHE A 313 -2.46 18.60 24.58
N ASN A 314 -3.46 17.70 24.59
CA ASN A 314 -3.32 16.35 25.14
C ASN A 314 -2.84 15.37 24.06
N MET A 315 -1.53 15.03 24.12
CA MET A 315 -0.89 14.05 23.25
C MET A 315 -1.34 12.63 23.58
N GLN A 316 -2.16 12.43 24.63
CA GLN A 316 -2.64 11.08 24.93
C GLN A 316 -4.11 10.91 24.58
N ASP A 317 -4.74 11.96 24.02
CA ASP A 317 -6.14 11.91 23.61
C ASP A 317 -6.22 11.54 22.12
N PRO A 318 -6.63 10.30 21.76
CA PRO A 318 -6.71 9.94 20.35
C PRO A 318 -7.72 10.77 19.55
N PHE A 319 -8.78 11.27 20.22
CA PHE A 319 -9.82 12.05 19.55
C PHE A 319 -9.28 13.42 19.19
N ALA A 320 -8.45 13.99 20.05
CA ALA A 320 -7.84 15.27 19.78
C ALA A 320 -6.87 15.16 18.59
N TRP A 321 -6.16 14.03 18.46
CA TRP A 321 -5.29 13.84 17.31
C TRP A 321 -6.14 13.81 16.03
N GLN A 322 -7.24 13.06 16.04
CA GLN A 322 -8.06 12.93 14.84
C GLN A 322 -8.51 14.30 14.37
N LYS A 323 -8.88 15.18 15.30
CA LYS A 323 -9.41 16.49 14.96
C LYS A 323 -8.29 17.41 14.44
N ILE A 324 -7.15 17.46 15.12
CA ILE A 324 -6.07 18.31 14.68
C ILE A 324 -5.52 17.82 13.34
N ASN A 325 -5.52 16.51 13.10
CA ASN A 325 -4.98 15.97 11.88
C ASN A 325 -5.85 16.39 10.70
N LYS A 326 -7.17 16.40 10.92
CA LYS A 326 -8.12 16.80 9.89
C LYS A 326 -7.89 18.26 9.55
N GLN A 327 -7.71 19.12 10.57
CA GLN A 327 -7.36 20.52 10.37
C GLN A 327 -6.08 20.69 9.55
N ILE A 328 -5.02 19.98 9.92
CA ILE A 328 -3.72 20.14 9.29
C ILE A 328 -3.83 19.78 7.80
N ARG A 329 -4.53 18.67 7.49
CA ARG A 329 -4.67 18.14 6.12
C ARG A 329 -5.58 19.01 5.26
N ASP A 330 -6.37 19.87 5.90
CA ASP A 330 -7.31 20.74 5.23
C ASP A 330 -6.84 22.19 5.33
N ALA A 331 -5.71 22.46 6.00
CA ALA A 331 -5.26 23.84 6.12
C ALA A 331 -4.62 24.33 4.82
N ASN A 332 -4.99 25.57 4.45
CA ASN A 332 -4.33 26.31 3.38
C ASN A 332 -2.91 26.62 3.87
N ALA A 333 -2.03 27.04 2.94
CA ALA A 333 -0.65 27.49 3.18
C ALA A 333 -0.51 28.47 4.36
N SER A 334 -1.45 29.43 4.47
CA SER A 334 -1.44 30.43 5.52
C SER A 334 -1.80 29.86 6.91
N GLN A 335 -2.75 28.92 6.97
CA GLN A 335 -3.20 28.33 8.24
C GLN A 335 -2.17 27.35 8.80
N LEU A 336 -1.44 26.63 7.93
CA LEU A 336 -0.33 25.79 8.33
C LEU A 336 0.70 26.62 9.10
N ASP A 337 0.91 27.89 8.71
CA ASP A 337 1.83 28.77 9.45
C ASP A 337 1.30 29.04 10.86
N VAL A 338 -0.01 29.16 11.00
CA VAL A 338 -0.61 29.47 12.31
C VAL A 338 -0.47 28.28 13.26
N LEU A 339 -0.67 27.08 12.68
CA LEU A 339 -0.64 25.82 13.41
C LEU A 339 0.80 25.47 13.77
N ALA A 340 1.75 25.70 12.85
CA ALA A 340 3.17 25.48 13.09
C ALA A 340 3.61 26.22 14.34
N LYS A 341 3.14 27.46 14.51
CA LYS A 341 3.49 28.30 15.63
C LYS A 341 2.95 27.71 16.92
N GLU A 342 1.67 27.28 16.88
CA GLU A 342 0.98 26.81 18.08
C GLU A 342 1.62 25.52 18.60
N PHE A 343 2.07 24.62 17.71
CA PHE A 343 2.56 23.30 18.11
C PHE A 343 4.09 23.29 18.23
N ASP A 344 4.72 24.48 18.17
CA ASP A 344 6.17 24.59 18.27
C ASP A 344 6.59 24.51 19.73
N THR A 345 6.39 23.32 20.34
CA THR A 345 6.78 23.04 21.70
C THR A 345 7.44 21.66 21.77
N GLN A 346 8.06 21.35 22.91
CA GLN A 346 8.73 20.06 23.08
C GLN A 346 7.70 18.94 23.24
N GLU A 347 6.60 19.25 23.95
CA GLU A 347 5.55 18.27 24.23
C GLU A 347 4.89 17.84 22.90
N THR A 348 4.73 18.79 21.96
CA THR A 348 4.03 18.54 20.70
C THR A 348 5.01 18.45 19.51
N LEU A 349 6.25 18.06 19.77
CA LEU A 349 7.27 18.06 18.71
C LEU A 349 6.81 17.22 17.53
N PRO A 350 6.22 16.00 17.70
CA PRO A 350 5.79 15.20 16.55
C PRO A 350 4.74 15.91 15.70
N ILE A 351 3.86 16.69 16.35
CA ILE A 351 2.88 17.48 15.59
C ILE A 351 3.56 18.65 14.88
N TYR A 352 4.54 19.31 15.52
CA TYR A 352 5.28 20.39 14.90
C TYR A 352 5.91 19.89 13.60
N ALA A 353 6.62 18.77 13.67
CA ALA A 353 7.33 18.26 12.52
C ALA A 353 6.38 17.82 11.40
N TYR A 354 5.20 17.32 11.78
CA TYR A 354 4.17 16.89 10.85
C TYR A 354 3.65 18.10 10.09
N ILE A 355 3.34 19.16 10.82
CA ILE A 355 2.94 20.40 10.19
C ILE A 355 4.05 20.88 9.24
N LEU A 356 5.31 20.92 9.70
CA LEU A 356 6.39 21.45 8.86
C LEU A 356 6.56 20.60 7.59
N GLU A 357 6.40 19.28 7.69
CA GLU A 357 6.60 18.37 6.57
C GLU A 357 5.50 18.60 5.52
N ARG A 358 4.26 18.78 6.02
CA ARG A 358 3.08 19.16 5.24
C ARG A 358 3.29 20.52 4.56
N LYS A 359 3.87 21.49 5.29
CA LYS A 359 4.00 22.89 4.90
C LYS A 359 5.00 23.08 3.75
N ASN A 360 6.19 22.46 3.84
CA ASN A 360 7.35 22.86 3.05
C ASN A 360 7.42 22.10 1.74
N ASN A 361 6.34 21.35 1.43
CA ASN A 361 6.20 20.64 0.18
C ASN A 361 7.26 19.56 0.10
N PHE A 362 7.36 18.73 1.15
CA PHE A 362 8.04 17.43 1.11
C PHE A 362 9.45 17.60 0.52
N LYS A 363 10.19 18.64 0.95
CA LYS A 363 11.35 19.19 0.26
C LYS A 363 12.54 19.45 1.20
N LYS A 364 12.24 19.79 2.47
CA LYS A 364 13.20 19.74 3.58
C LYS A 364 13.06 18.39 4.32
N HIS A 365 14.11 17.95 5.01
CA HIS A 365 14.14 16.60 5.59
C HIS A 365 14.02 16.65 7.11
N TYR A 366 12.92 16.06 7.63
CA TYR A 366 12.64 16.07 9.07
C TYR A 366 12.69 14.66 9.61
N PHE A 367 13.61 14.48 10.56
CA PHE A 367 13.97 13.20 11.14
C PHE A 367 14.16 13.38 12.64
N ILE A 368 13.05 13.57 13.34
CA ILE A 368 13.06 13.84 14.77
C ILE A 368 13.27 12.55 15.54
N MET A 369 13.60 12.73 16.83
CA MET A 369 13.90 11.66 17.76
C MET A 369 13.13 11.89 19.06
N PRO A 370 11.79 11.81 19.09
CA PRO A 370 11.04 12.13 20.31
C PRO A 370 11.04 11.02 21.37
N TYR A 371 10.81 11.45 22.63
CA TYR A 371 10.75 10.53 23.76
C TYR A 371 12.06 9.76 23.84
N TYR A 372 13.18 10.46 23.61
CA TYR A 372 14.47 9.82 23.36
C TYR A 372 14.98 9.09 24.62
N ASP A 373 14.58 9.59 25.80
CA ASP A 373 14.97 8.97 27.06
C ASP A 373 14.68 7.47 27.05
N ASN A 374 13.62 7.03 26.38
CA ASN A 374 13.22 5.63 26.46
C ASN A 374 14.12 4.74 25.62
N ILE A 375 14.93 5.29 24.70
CA ILE A 375 15.77 4.43 23.87
C ILE A 375 17.28 4.71 23.99
N LYS A 376 17.69 5.77 24.72
CA LYS A 376 19.08 6.19 24.73
C LYS A 376 20.03 5.11 25.27
N ASP A 377 19.52 4.05 25.91
CA ASP A 377 20.37 3.00 26.49
C ASP A 377 20.60 1.83 25.53
N TYR A 378 19.79 1.71 24.46
CA TYR A 378 20.02 0.69 23.45
C TYR A 378 21.27 1.07 22.65
N ASN A 379 21.91 0.10 22.00
CA ASN A 379 23.00 0.47 21.11
C ASN A 379 22.40 1.27 19.92
N LYS A 380 23.26 2.03 19.25
CA LYS A 380 22.86 3.10 18.35
C LYS A 380 22.21 2.54 17.08
N THR A 381 22.61 1.34 16.69
CA THR A 381 22.07 0.67 15.51
C THR A 381 20.60 0.33 15.78
N ARG A 382 20.34 -0.12 17.01
CA ARG A 382 19.01 -0.47 17.44
C ARG A 382 18.16 0.79 17.58
N GLN A 383 18.72 1.87 18.11
CA GLN A 383 18.02 3.13 18.18
C GLN A 383 17.51 3.51 16.78
N ALA A 384 18.35 3.31 15.77
CA ALA A 384 18.10 3.83 14.45
C ALA A 384 17.01 3.00 13.77
N LEU A 385 17.02 1.69 14.03
CA LEU A 385 16.02 0.80 13.47
C LEU A 385 14.64 1.10 14.07
N ILE A 386 14.60 1.35 15.38
CA ILE A 386 13.38 1.69 16.09
C ILE A 386 12.82 2.99 15.53
N LEU A 387 13.67 4.01 15.48
CA LEU A 387 13.27 5.33 15.01
C LEU A 387 12.82 5.27 13.54
N ALA A 388 13.50 4.41 12.76
CA ALA A 388 13.21 4.26 11.33
C ALA A 388 11.81 3.71 11.09
N ILE A 389 11.45 2.71 11.91
CA ILE A 389 10.16 2.04 11.87
C ILE A 389 9.08 3.02 12.33
N ALA A 390 9.33 3.76 13.41
CA ALA A 390 8.34 4.66 13.98
C ALA A 390 8.03 5.85 13.06
N ARG A 391 9.04 6.35 12.33
CA ARG A 391 8.84 7.44 11.38
C ARG A 391 7.85 7.02 10.27
N GLN A 392 8.03 5.84 9.69
CA GLN A 392 7.15 5.31 8.66
C GLN A 392 5.78 4.90 9.24
N GLU A 393 5.76 4.29 10.43
CA GLU A 393 4.53 3.73 10.98
C GLU A 393 3.58 4.87 11.37
N SER A 394 4.10 5.98 11.90
CA SER A 394 3.25 6.93 12.61
C SER A 394 3.68 8.40 12.50
N ARG A 395 4.88 8.69 11.97
CA ARG A 395 5.48 10.01 12.18
C ARG A 395 5.50 10.35 13.68
N PHE A 396 5.64 9.33 14.53
CA PHE A 396 5.84 9.57 15.97
C PHE A 396 4.59 10.12 16.67
N ILE A 397 3.40 9.98 16.06
CA ILE A 397 2.15 10.43 16.68
C ILE A 397 1.76 9.36 17.70
N PRO A 398 1.76 9.67 19.02
CA PRO A 398 1.52 8.64 20.05
C PRO A 398 0.19 7.89 19.94
N THR A 399 -0.90 8.59 19.53
CA THR A 399 -2.25 8.03 19.46
C THR A 399 -2.64 7.66 18.02
N ALA A 400 -1.63 7.39 17.18
CA ALA A 400 -1.89 7.00 15.79
C ALA A 400 -2.70 5.72 15.75
N ILE A 401 -3.70 5.70 14.83
CA ILE A 401 -4.53 4.53 14.56
C ILE A 401 -4.70 4.33 13.05
N SER A 402 -4.39 3.11 12.60
CA SER A 402 -4.51 2.75 11.19
C SER A 402 -5.92 2.29 10.87
N VAL A 403 -6.17 2.09 9.56
CA VAL A 403 -7.48 1.66 9.08
C VAL A 403 -7.76 0.23 9.55
N SER A 404 -6.70 -0.46 10.02
CA SER A 404 -6.83 -1.80 10.58
C SER A 404 -6.63 -1.79 12.12
N TYR A 405 -6.69 -0.61 12.73
CA TYR A 405 -6.61 -0.39 14.17
C TYR A 405 -5.28 -0.88 14.76
N ALA A 406 -4.18 -0.80 13.99
CA ALA A 406 -2.83 -0.82 14.57
C ALA A 406 -2.62 0.48 15.35
N LEU A 407 -1.89 0.42 16.49
CA LEU A 407 -1.94 1.45 17.54
C LEU A 407 -0.55 2.03 17.90
N GLY A 408 -0.52 3.34 18.11
CA GLY A 408 0.59 4.06 18.68
C GLY A 408 1.74 4.28 17.69
N MET A 409 2.85 4.84 18.19
CA MET A 409 4.02 5.19 17.40
C MET A 409 4.57 4.02 16.58
N MET A 410 4.48 2.80 17.12
CA MET A 410 5.06 1.62 16.50
C MET A 410 3.99 0.76 15.82
N GLN A 411 2.72 1.21 15.88
CA GLN A 411 1.62 0.63 15.10
C GLN A 411 1.53 -0.88 15.30
N PHE A 412 1.38 -1.29 16.56
CA PHE A 412 1.12 -2.68 16.92
C PHE A 412 -0.35 -3.04 16.69
N MET A 413 -0.57 -4.15 15.97
CA MET A 413 -1.86 -4.83 15.93
C MET A 413 -2.22 -5.22 17.37
N PRO A 414 -3.49 -5.03 17.79
CA PRO A 414 -3.93 -5.42 19.13
C PRO A 414 -3.59 -6.86 19.54
N PHE A 415 -3.65 -7.81 18.59
CA PHE A 415 -3.36 -9.19 18.92
C PHE A 415 -1.96 -9.32 19.51
N LEU A 416 -0.95 -8.81 18.78
CA LEU A 416 0.43 -8.91 19.18
C LEU A 416 0.71 -8.08 20.44
N ALA A 417 0.11 -6.88 20.54
CA ALA A 417 0.23 -6.03 21.71
C ALA A 417 -0.25 -6.77 22.97
N ASN A 418 -1.33 -7.55 22.84
CA ASN A 418 -1.91 -8.27 23.98
C ASN A 418 -1.03 -9.49 24.30
N HIS A 419 -0.53 -10.19 23.29
CA HIS A 419 0.38 -11.30 23.51
C HIS A 419 1.64 -10.82 24.25
N ILE A 420 2.27 -9.72 23.81
CA ILE A 420 3.48 -9.25 24.46
C ILE A 420 3.15 -8.73 25.87
N GLY A 421 2.12 -7.87 25.96
CA GLY A 421 1.75 -7.15 27.16
C GLY A 421 1.30 -8.06 28.32
N GLU A 422 0.50 -9.10 28.01
CA GLU A 422 -0.21 -9.91 29.00
C GLU A 422 0.50 -11.26 29.16
N LYS A 423 0.66 -12.00 28.07
CA LYS A 423 1.29 -13.29 28.19
C LYS A 423 2.80 -13.16 28.41
N GLU A 424 3.55 -12.39 27.61
CA GLU A 424 5.01 -12.42 27.69
C GLU A 424 5.51 -11.54 28.84
N LEU A 425 5.09 -10.28 28.94
CA LEU A 425 5.71 -9.36 29.87
C LEU A 425 4.91 -9.21 31.16
N LYS A 426 3.70 -9.79 31.19
CA LYS A 426 2.84 -9.81 32.38
C LYS A 426 2.66 -8.41 33.00
N ILE A 427 2.52 -7.36 32.18
CA ILE A 427 2.34 -6.04 32.74
C ILE A 427 1.01 -6.03 33.49
N PRO A 428 1.00 -5.58 34.76
CA PRO A 428 -0.25 -5.57 35.55
C PRO A 428 -1.25 -4.55 34.97
N ASN A 429 -2.51 -5.04 34.84
CA ASN A 429 -3.66 -4.32 34.28
C ASN A 429 -3.38 -3.88 32.83
N PHE A 430 -2.72 -4.72 32.04
CA PHE A 430 -2.37 -4.33 30.69
C PHE A 430 -3.64 -4.15 29.87
N ASP A 431 -3.65 -3.05 29.12
CA ASP A 431 -4.63 -2.82 28.09
C ASP A 431 -3.88 -2.42 26.81
N GLN A 432 -4.41 -2.84 25.66
CA GLN A 432 -3.84 -2.58 24.35
C GLN A 432 -3.63 -1.07 24.12
N ASP A 433 -4.46 -0.22 24.73
CA ASP A 433 -4.29 1.23 24.64
C ASP A 433 -2.99 1.73 25.29
N PHE A 434 -2.29 0.88 26.05
CA PHE A 434 -0.95 1.22 26.52
C PHE A 434 0.03 1.47 25.36
N MET A 435 -0.27 0.96 24.15
CA MET A 435 0.55 1.18 22.96
C MET A 435 0.58 2.65 22.56
N PHE A 436 -0.37 3.44 23.07
CA PHE A 436 -0.39 4.88 22.88
C PHE A 436 0.66 5.61 23.73
N LYS A 437 1.30 4.89 24.68
CA LYS A 437 2.36 5.48 25.50
C LYS A 437 3.71 5.26 24.83
N PRO A 438 4.50 6.33 24.61
CA PRO A 438 5.81 6.19 23.99
C PRO A 438 6.72 5.15 24.65
N GLU A 439 6.76 5.09 25.98
CA GLU A 439 7.65 4.15 26.66
C GLU A 439 7.25 2.73 26.31
N ILE A 440 5.94 2.51 26.13
CA ILE A 440 5.45 1.17 25.88
C ILE A 440 5.71 0.83 24.41
N ALA A 441 5.39 1.79 23.53
CA ALA A 441 5.56 1.61 22.09
C ALA A 441 7.02 1.26 21.79
N TYR A 442 7.97 2.05 22.32
CA TYR A 442 9.41 1.79 22.11
C TYR A 442 9.86 0.48 22.77
N TYR A 443 9.30 0.16 23.95
CA TYR A 443 9.70 -1.03 24.69
C TYR A 443 9.24 -2.26 23.91
N PHE A 444 8.00 -2.25 23.46
CA PHE A 444 7.48 -3.40 22.72
C PHE A 444 8.15 -3.52 21.35
N GLY A 445 8.42 -2.37 20.72
CA GLY A 445 9.10 -2.34 19.43
C GLY A 445 10.50 -2.94 19.52
N ASN A 446 11.26 -2.51 20.55
CA ASN A 446 12.56 -3.12 20.80
C ASN A 446 12.42 -4.64 20.94
N TYR A 447 11.47 -5.06 21.78
CA TYR A 447 11.24 -6.49 22.04
C TYR A 447 10.93 -7.26 20.76
N HIS A 448 9.98 -6.75 19.95
CA HIS A 448 9.62 -7.45 18.71
C HIS A 448 10.77 -7.41 17.70
N LEU A 449 11.48 -6.27 17.61
CA LEU A 449 12.60 -6.14 16.68
C LEU A 449 13.73 -7.12 17.01
N ASN A 450 14.00 -7.41 18.31
CA ASN A 450 14.93 -8.47 18.69
C ASN A 450 14.52 -9.84 18.18
N TYR A 451 13.23 -10.15 18.25
CA TYR A 451 12.78 -11.44 17.73
C TYR A 451 13.08 -11.46 16.24
N LEU A 452 12.81 -10.35 15.52
CA LEU A 452 12.83 -10.40 14.05
C LEU A 452 14.28 -10.44 13.54
N GLU A 453 15.11 -9.62 14.20
CA GLU A 453 16.49 -9.40 13.82
C GLU A 453 17.32 -10.64 14.12
N SER A 454 17.04 -11.29 15.25
CA SER A 454 17.68 -12.55 15.58
C SER A 454 17.52 -13.55 14.42
N ARG A 455 16.34 -13.58 13.76
CA ARG A 455 16.09 -14.53 12.67
C ARG A 455 16.46 -14.03 11.27
N LEU A 456 16.57 -12.71 11.03
CA LEU A 456 16.64 -12.16 9.66
C LEU A 456 17.90 -11.34 9.36
N LYS A 457 18.45 -10.65 10.39
CA LYS A 457 19.75 -9.96 10.28
C LYS A 457 19.59 -8.58 9.62
N SER A 458 19.34 -8.57 8.31
CA SER A 458 19.27 -7.33 7.56
C SER A 458 18.12 -6.46 8.08
N PRO A 459 18.35 -5.14 8.25
CA PRO A 459 17.27 -4.24 8.62
C PRO A 459 16.17 -4.16 7.55
N LEU A 460 16.51 -4.42 6.28
CA LEU A 460 15.51 -4.46 5.22
C LEU A 460 14.57 -5.65 5.43
N PHE A 461 15.13 -6.84 5.72
CA PHE A 461 14.33 -8.04 5.93
C PHE A 461 13.50 -7.87 7.20
N VAL A 462 14.09 -7.26 8.23
CA VAL A 462 13.36 -6.98 9.44
C VAL A 462 12.16 -6.07 9.16
N ALA A 463 12.32 -5.06 8.27
CA ALA A 463 11.26 -4.12 7.95
C ALA A 463 10.12 -4.84 7.24
N TYR A 464 10.45 -5.65 6.22
CA TYR A 464 9.46 -6.47 5.54
C TYR A 464 8.66 -7.30 6.54
N ALA A 465 9.34 -7.98 7.47
CA ALA A 465 8.70 -8.86 8.43
C ALA A 465 7.88 -8.05 9.44
N TYR A 466 8.33 -6.83 9.78
CA TYR A 466 7.60 -6.04 10.75
C TYR A 466 6.21 -5.68 10.19
N ASN A 467 6.17 -5.38 8.89
CA ASN A 467 4.97 -4.86 8.24
C ASN A 467 4.10 -6.00 7.71
N GLY A 468 4.71 -7.05 7.19
CA GLY A 468 3.97 -8.08 6.48
C GLY A 468 4.00 -9.46 7.15
N GLY A 469 4.74 -9.59 8.27
CA GLY A 469 4.89 -10.82 9.04
C GLY A 469 6.11 -11.66 8.63
N ILE A 470 6.70 -12.38 9.61
CA ILE A 470 7.90 -13.17 9.34
C ILE A 470 7.59 -14.38 8.44
N GLY A 471 6.36 -14.93 8.51
CA GLY A 471 5.92 -16.01 7.63
C GLY A 471 6.11 -15.64 6.16
N PHE A 472 5.52 -14.51 5.76
CA PHE A 472 5.64 -14.04 4.38
C PHE A 472 7.09 -13.76 3.99
N THR A 473 7.88 -13.22 4.94
CA THR A 473 9.27 -12.88 4.66
C THR A 473 10.10 -14.15 4.48
N ASN A 474 9.95 -15.14 5.39
CA ASN A 474 10.63 -16.43 5.28
C ASN A 474 10.25 -17.12 3.97
N ARG A 475 8.98 -17.05 3.57
CA ARG A 475 8.59 -17.69 2.32
C ARG A 475 9.22 -17.00 1.11
N MET A 476 9.33 -15.67 1.14
CA MET A 476 9.98 -14.96 0.04
C MET A 476 11.47 -15.33 -0.06
N LEU A 477 12.17 -15.36 1.09
CA LEU A 477 13.60 -15.64 1.13
C LEU A 477 13.94 -17.12 0.86
N ALA A 478 12.95 -18.03 0.95
CA ALA A 478 13.17 -19.43 0.62
C ALA A 478 13.15 -19.68 -0.88
N ARG A 479 12.60 -18.74 -1.67
CA ARG A 479 12.55 -18.88 -3.12
C ARG A 479 13.96 -18.71 -3.74
N ASN A 480 14.14 -19.34 -4.91
CA ASN A 480 15.39 -19.40 -5.64
C ASN A 480 15.68 -18.09 -6.36
N ASP A 481 14.63 -17.31 -6.63
CA ASP A 481 14.68 -16.15 -7.51
C ASP A 481 14.61 -14.85 -6.69
N MET A 482 14.73 -14.89 -5.35
CA MET A 482 14.61 -13.71 -4.51
C MET A 482 15.82 -13.61 -3.57
N PHE A 483 16.53 -12.47 -3.70
CA PHE A 483 17.63 -12.07 -2.85
C PHE A 483 18.78 -13.07 -2.91
N LYS A 484 19.00 -13.60 -4.13
CA LYS A 484 20.13 -14.45 -4.47
C LYS A 484 21.07 -13.62 -5.34
N THR A 485 22.09 -14.27 -5.92
CA THR A 485 23.08 -13.59 -6.76
C THR A 485 22.49 -13.39 -8.15
N GLY A 486 22.94 -12.32 -8.81
CA GLY A 486 22.39 -11.94 -10.09
C GLY A 486 22.92 -10.57 -10.47
N LYS A 487 23.05 -10.37 -11.77
CA LYS A 487 23.38 -9.12 -12.43
C LYS A 487 22.81 -7.89 -11.68
N PHE A 488 21.49 -7.88 -11.44
CA PHE A 488 20.78 -6.66 -11.04
C PHE A 488 20.29 -6.79 -9.58
N GLU A 489 20.88 -7.74 -8.84
CA GLU A 489 20.55 -7.99 -7.45
C GLU A 489 21.38 -7.08 -6.53
N PRO A 490 20.87 -6.72 -5.32
CA PRO A 490 19.54 -7.12 -4.86
C PRO A 490 18.38 -6.23 -5.29
N PHE A 491 18.66 -5.23 -6.14
CA PHE A 491 17.66 -4.24 -6.52
C PHE A 491 16.45 -4.88 -7.21
N LEU A 492 16.69 -5.89 -8.06
CA LEU A 492 15.56 -6.46 -8.78
C LEU A 492 14.58 -7.09 -7.78
N SER A 493 15.11 -7.89 -6.83
CA SER A 493 14.29 -8.56 -5.82
C SER A 493 13.43 -7.58 -5.03
N MET A 494 13.96 -6.38 -4.77
CA MET A 494 13.26 -5.38 -3.99
C MET A 494 12.05 -4.83 -4.75
N GLU A 495 12.07 -4.97 -6.08
CA GLU A 495 10.97 -4.58 -6.94
C GLU A 495 9.91 -5.70 -7.07
N LEU A 496 10.22 -6.93 -6.66
CA LEU A 496 9.38 -8.11 -6.89
C LEU A 496 8.82 -8.64 -5.57
N VAL A 497 8.99 -7.87 -4.49
CA VAL A 497 8.44 -8.26 -3.20
C VAL A 497 6.93 -8.31 -3.37
N PRO A 498 6.30 -9.50 -3.18
CA PRO A 498 4.91 -9.72 -3.58
C PRO A 498 3.78 -8.92 -2.92
N TYR A 499 3.94 -8.31 -1.75
CA TYR A 499 2.94 -7.37 -1.25
C TYR A 499 3.42 -5.94 -1.48
N GLN A 500 2.58 -5.14 -2.14
CA GLN A 500 2.91 -3.76 -2.46
C GLN A 500 3.24 -2.94 -1.20
N GLU A 501 2.40 -3.05 -0.18
CA GLU A 501 2.57 -2.28 1.03
C GLU A 501 3.98 -2.48 1.61
N SER A 502 4.42 -3.75 1.65
CA SER A 502 5.66 -4.19 2.26
C SER A 502 6.87 -3.84 1.37
N ARG A 503 6.67 -3.91 0.06
CA ARG A 503 7.66 -3.51 -0.94
C ARG A 503 8.05 -2.05 -0.78
N ILE A 504 7.06 -1.19 -0.62
CA ILE A 504 7.25 0.23 -0.42
C ILE A 504 7.81 0.51 0.98
N TYR A 505 7.25 -0.16 1.99
CA TYR A 505 7.60 0.08 3.39
C TYR A 505 9.10 -0.12 3.61
N GLY A 506 9.63 -1.23 3.08
CA GLY A 506 11.00 -1.62 3.27
C GLY A 506 12.00 -0.62 2.68
N LYS A 507 11.72 -0.14 1.46
CA LYS A 507 12.48 0.93 0.84
C LYS A 507 12.53 2.16 1.73
N LYS A 508 11.36 2.56 2.24
CA LYS A 508 11.26 3.73 3.08
C LYS A 508 11.96 3.58 4.41
N VAL A 509 11.73 2.45 5.10
CA VAL A 509 12.32 2.24 6.41
C VAL A 509 13.85 2.20 6.25
N LEU A 510 14.34 1.58 5.18
CA LEU A 510 15.78 1.47 4.97
C LEU A 510 16.42 2.86 4.83
N ALA A 511 15.82 3.76 4.04
CA ALA A 511 16.32 5.13 3.96
C ALA A 511 16.39 5.74 5.35
N ASN A 512 15.30 5.57 6.11
CA ASN A 512 15.18 6.20 7.41
C ASN A 512 16.33 5.70 8.30
N TYR A 513 16.59 4.41 8.20
CA TYR A 513 17.59 3.72 8.98
C TYR A 513 18.97 4.32 8.68
N ILE A 514 19.33 4.40 7.38
CA ILE A 514 20.56 5.08 6.99
C ILE A 514 20.67 6.45 7.65
N VAL A 515 19.62 7.25 7.54
CA VAL A 515 19.64 8.61 8.01
C VAL A 515 19.86 8.64 9.52
N TYR A 516 19.10 7.85 10.28
CA TYR A 516 19.18 7.93 11.73
C TYR A 516 20.54 7.40 12.21
N ARG A 517 21.10 6.39 11.52
CA ARG A 517 22.43 5.92 11.83
C ARG A 517 23.43 7.05 11.65
N HIS A 518 23.25 7.84 10.61
CA HIS A 518 24.08 8.99 10.40
C HIS A 518 23.92 10.03 11.52
N LEU A 519 22.68 10.36 11.88
CA LEU A 519 22.42 11.37 12.90
C LEU A 519 22.94 10.94 14.27
N LEU A 520 23.00 9.65 14.54
CA LEU A 520 23.48 9.14 15.82
C LEU A 520 25.00 8.92 15.81
N ASN A 521 25.71 9.43 14.80
CA ASN A 521 27.16 9.25 14.68
C ASN A 521 27.53 7.79 14.65
N ASP A 522 26.73 7.00 13.90
CA ASP A 522 26.89 5.57 13.74
C ASP A 522 26.68 5.19 12.26
N SER A 523 27.26 6.00 11.37
CA SER A 523 27.18 5.90 9.93
C SER A 523 27.45 4.49 9.43
N ILE A 524 26.68 4.09 8.43
CA ILE A 524 27.03 2.94 7.62
C ILE A 524 26.78 3.32 6.16
N LYS A 525 27.58 2.70 5.30
CA LYS A 525 27.41 2.84 3.88
C LYS A 525 26.23 1.96 3.43
N ILE A 526 25.34 2.55 2.60
CA ILE A 526 24.17 1.84 2.13
C ILE A 526 24.61 0.71 1.21
N SER A 527 25.80 0.85 0.61
CA SER A 527 26.39 -0.19 -0.20
C SER A 527 26.66 -1.45 0.62
N ASP A 528 27.00 -1.32 1.92
CA ASP A 528 27.24 -2.50 2.75
C ASP A 528 25.93 -3.23 3.03
N ILE A 529 24.85 -2.45 3.24
CA ILE A 529 23.51 -2.98 3.44
C ILE A 529 23.12 -3.81 2.22
N PHE A 530 23.38 -3.28 1.01
CA PHE A 530 22.99 -3.98 -0.21
C PHE A 530 23.81 -5.25 -0.42
N GLU A 531 25.12 -5.22 -0.13
CA GLU A 531 25.96 -6.42 -0.21
C GLU A 531 25.42 -7.55 0.67
N ASN A 532 25.02 -7.25 1.91
CA ASN A 532 24.49 -8.23 2.86
C ASN A 532 23.08 -8.72 2.51
N LEU A 533 22.42 -8.23 1.44
CA LEU A 533 21.12 -8.77 1.05
C LEU A 533 21.30 -10.01 0.16
N ILE A 534 22.50 -10.21 -0.41
CA ILE A 534 22.70 -11.32 -1.32
C ILE A 534 23.21 -12.57 -0.58
N GLN A 535 22.47 -13.69 -0.62
CA GLN A 535 22.79 -14.86 0.20
C GLN A 535 23.57 -15.91 -0.62
C1 ZIE B . -1.53 5.81 11.15
C2 ZIE B . -1.32 4.88 9.99
C3 ZIE B . 0.28 3.45 8.78
C4 ZIE B . 0.74 2.10 9.30
C5 ZIE B . 1.20 1.20 8.15
C7 ZIE B . 2.69 1.14 6.07
C9 ZIE B . 2.02 6.14 6.88
C10 ZIE B . 1.93 6.21 5.35
C12 ZIE B . 3.64 7.19 2.52
C13 ZIE B . 3.23 7.46 1.10
C14 ZIE B . 2.64 8.58 5.54
C15 ZIE B . 1.76 7.51 7.48
C16 ZIE B . 1.92 7.55 8.98
C17 ZIE B . 3.41 10.85 5.31
C18 ZIE B . 4.14 11.74 4.54
C19 ZIE B . 3.98 13.09 4.71
C20 ZIE B . 3.09 13.55 5.69
C21 ZIE B . 2.34 12.66 6.46
C22 ZIE B . 2.52 11.30 6.27
O1 ZIE B . -2.24 4.54 9.25
N1 ZIE B . -0.10 4.35 9.85
O2 ZIE B . -0.28 1.50 10.06
O3 ZIE B . 1.83 0.04 8.70
C6 ZIE B . 2.24 1.91 7.27
O4 ZIE B . 3.64 1.91 5.30
O5 ZIE B . 1.69 3.14 6.80
C8 ZIE B . 1.39 4.03 7.88
O6 ZIE B . 1.01 5.27 7.40
O7 ZIE B . 2.21 4.96 4.73
C11 ZIE B . 2.90 7.28 4.86
N2 ZIE B . 2.74 7.53 3.43
O8 ZIE B . 4.71 6.65 2.82
O9 ZIE B . 2.71 8.43 6.96
O10 ZIE B . 1.49 8.83 9.51
O11 ZIE B . 3.62 9.49 5.09
N3 ZIE B . 2.89 15.01 5.85
O12 ZIE B . 2.39 15.46 6.90
O13 ZIE B . 3.17 15.72 4.91
C1 CIT C . 12.19 24.86 8.85
O1 CIT C . 12.61 23.70 8.66
O2 CIT C . 11.03 25.25 8.54
C2 CIT C . 13.13 25.85 9.51
C3 CIT C . 13.68 25.43 10.89
O7 CIT C . 14.16 24.08 10.84
C4 CIT C . 12.51 25.48 11.89
C5 CIT C . 12.84 25.09 13.33
O3 CIT C . 14.02 24.75 13.67
O4 CIT C . 11.90 25.15 14.13
C6 CIT C . 14.80 26.43 11.33
O5 CIT C . 15.98 26.25 10.92
O6 CIT C . 14.47 27.39 12.06
S DMS D . 3.30 -4.73 14.38
O DMS D . 2.08 -5.49 14.87
C1 DMS D . 4.52 -5.96 14.00
C2 DMS D . 2.83 -4.32 12.70
S DMS E . 6.27 2.02 -8.06
O DMS E . 5.78 3.42 -7.87
C1 DMS E . 6.07 1.71 -9.79
C2 DMS E . 8.05 2.15 -8.00
S DMS F . 0.77 7.33 -22.22
O DMS F . 1.93 8.36 -22.27
C1 DMS F . -0.32 7.71 -20.85
C2 DMS F . -0.34 7.68 -23.60
#